data_5SMF
#
_entry.id   5SMF
#
_cell.length_a   68.145
_cell.length_b   67.846
_cell.length_c   138.596
_cell.angle_alpha   90.000
_cell.angle_beta   90.000
_cell.angle_gamma   90.000
#
_symmetry.space_group_name_H-M   'P 21 21 21'
#
loop_
_entity.id
_entity.type
_entity.pdbx_description
1 polymer 'Proofreading exoribonuclease nsp14'
2 non-polymer 'ZINC ION'
3 non-polymer 'PHOSPHATE ION'
4 non-polymer N,N-diethyl-5-methyl[1,2,4]triazolo[1,5-a]pyrimidin-7-amine
5 water water
#
_entity_poly.entity_id   1
_entity_poly.type   'polypeptide(L)'
_entity_poly.pdbx_seq_one_letter_code
;SMLFKDCSKVITGLHPTQAPTHLSVDTKFKTEGLCVDIPGIPKDMTYRRLISMMGFKMNYQVNGYPNMFITREEAIRHVR
AWIGFDVEGCHATREAVGTNLPLQLGFSTGVNLVAVPTGYVDTPNNTDFSRVSAKPPPGDQFKHLIPLMYKGLPWNVVRI
KIVQMLSDTLKNLSDRVVFVLWAHGFELTSMKYFVKIGPERTCCLCDRRATCFSTASDTYACWHHSIGFDYVYNPFMIDV
QQWGFTGNLQSNHDLYCQVHGNAHVASCDAIMTRCLAVHECFVKRVDWTIEYPIIGDELKINAACRKVQHMVVKAALLAD
KFPVLHDIGNPKAIKCVPQADVEWKFYDAQPCSDKAYKIEELFYSYATHSDKFTDGVCLFWNCNVDRYPANSIVCRFDTR
VLSNLNLPGCDGGSLYVNKHAFHTPAFDKSAFVNLKQLPFFYYSDSPCESHGKQVVSDIDYVPLKSATCITRCNLGGAVC
RHHANEYRLYLDAYNMMISAGFSLWVYKQFDTYNLWNTFTRLQ
;
_entity_poly.pdbx_strand_id   D
#
loop_
_chem_comp.id
_chem_comp.type
_chem_comp.name
_chem_comp.formula
K1S non-polymer N,N-diethyl-5-methyl[1,2,4]triazolo[1,5-a]pyrimidin-7-amine 'C10 H15 N5'
PO4 non-polymer 'PHOSPHATE ION' 'O4 P -3'
ZN non-polymer 'ZINC ION' 'Zn 2'
#
# COMPACT_ATOMS: atom_id res chain seq x y z
N PRO A 20 -6.56 -27.59 1.78
CA PRO A 20 -5.95 -26.70 2.78
C PRO A 20 -6.21 -25.22 2.57
N THR A 21 -7.21 -24.69 3.28
CA THR A 21 -7.53 -23.26 3.20
C THR A 21 -6.95 -22.53 4.41
N HIS A 22 -7.08 -23.13 5.61
CA HIS A 22 -6.57 -22.53 6.84
C HIS A 22 -5.29 -23.25 7.35
N LEU A 23 -4.65 -22.72 8.41
CA LEU A 23 -3.47 -23.31 9.00
C LEU A 23 -3.98 -24.26 10.08
N SER A 24 -3.68 -25.58 9.97
CA SER A 24 -4.13 -26.55 10.96
C SER A 24 -3.50 -26.26 12.30
N VAL A 25 -4.27 -26.35 13.38
CA VAL A 25 -3.69 -26.15 14.70
C VAL A 25 -2.70 -27.29 15.05
N ASP A 26 -2.74 -28.42 14.32
CA ASP A 26 -1.81 -29.52 14.57
C ASP A 26 -0.47 -29.36 13.85
N THR A 27 -0.28 -28.26 13.06
CA THR A 27 0.99 -27.95 12.40
C THR A 27 2.03 -27.65 13.50
N LYS A 28 3.28 -28.04 13.27
CA LYS A 28 4.34 -27.84 14.25
C LYS A 28 4.83 -26.38 14.26
N PHE A 29 5.19 -25.89 15.45
CA PHE A 29 5.68 -24.53 15.66
C PHE A 29 7.11 -24.64 16.18
N LYS A 30 8.08 -24.07 15.45
CA LYS A 30 9.47 -24.11 15.90
C LYS A 30 9.57 -23.16 17.10
N THR A 31 10.02 -23.65 18.27
CA THR A 31 10.05 -22.87 19.50
C THR A 31 11.39 -22.34 19.90
N GLU A 32 12.42 -22.47 19.07
CA GLU A 32 13.78 -21.99 19.41
C GLU A 32 13.81 -20.46 19.65
N GLY A 33 13.03 -19.72 18.87
CA GLY A 33 12.93 -18.27 19.03
C GLY A 33 12.31 -17.85 20.35
N LEU A 34 11.52 -18.74 20.97
CA LEU A 34 10.82 -18.51 22.23
C LEU A 34 11.59 -18.94 23.50
N CYS A 35 12.66 -19.71 23.39
CA CYS A 35 13.30 -20.30 24.59
C CYS A 35 14.13 -19.34 25.48
N VAL A 36 14.42 -18.10 25.07
CA VAL A 36 15.14 -17.19 25.98
C VAL A 36 14.11 -16.58 26.98
N ASP A 37 12.93 -16.13 26.49
CA ASP A 37 11.82 -15.67 27.35
C ASP A 37 11.10 -16.86 28.04
N ILE A 38 11.04 -18.02 27.37
CA ILE A 38 10.41 -19.23 27.90
C ILE A 38 11.40 -20.38 28.00
N PRO A 39 12.25 -20.37 29.06
CA PRO A 39 13.23 -21.45 29.20
C PRO A 39 12.60 -22.79 29.53
N GLY A 40 12.99 -23.80 28.78
CA GLY A 40 12.51 -25.16 28.95
C GLY A 40 11.34 -25.53 28.06
N ILE A 41 10.95 -24.63 27.15
CA ILE A 41 9.86 -24.86 26.20
C ILE A 41 10.17 -26.13 25.36
N PRO A 42 9.18 -27.03 25.20
CA PRO A 42 9.42 -28.23 24.39
C PRO A 42 9.76 -27.87 22.96
N LYS A 43 10.65 -28.64 22.35
CA LYS A 43 11.03 -28.47 20.97
C LYS A 43 9.86 -28.89 20.06
N ASP A 44 9.14 -29.95 20.47
CA ASP A 44 7.96 -30.50 19.80
C ASP A 44 6.78 -29.71 20.36
N MET A 45 6.14 -28.91 19.49
CA MET A 45 5.03 -28.06 19.88
C MET A 45 4.11 -27.85 18.68
N THR A 46 2.80 -27.93 18.88
CA THR A 46 1.84 -27.62 17.83
C THR A 46 1.21 -26.23 18.09
N TYR A 47 0.48 -25.68 17.10
CA TYR A 47 -0.25 -24.45 17.28
C TYR A 47 -1.31 -24.62 18.40
N ARG A 48 -1.95 -25.80 18.48
CA ARG A 48 -2.95 -26.20 19.47
C ARG A 48 -2.40 -26.05 20.90
N ARG A 49 -1.20 -26.55 21.12
CA ARG A 49 -0.53 -26.50 22.42
C ARG A 49 0.01 -25.12 22.73
N LEU A 50 0.51 -24.39 21.70
CA LEU A 50 0.99 -23.01 21.86
C LEU A 50 -0.17 -22.10 22.24
N ILE A 51 -1.33 -22.21 21.58
CA ILE A 51 -2.52 -21.40 21.87
C ILE A 51 -2.98 -21.60 23.32
N SER A 52 -3.02 -22.86 23.77
CA SER A 52 -3.35 -23.25 25.13
C SER A 52 -2.34 -22.64 26.14
N MET A 53 -1.03 -22.75 25.86
CA MET A 53 0.05 -22.16 26.67
C MET A 53 -0.12 -20.61 26.79
N MET A 54 -0.65 -19.96 25.73
CA MET A 54 -0.92 -18.52 25.73
C MET A 54 -2.14 -18.12 26.60
N GLY A 55 -2.87 -19.10 27.13
CA GLY A 55 -4.04 -18.90 27.98
C GLY A 55 -5.37 -18.92 27.26
N PHE A 56 -5.45 -19.49 26.06
CA PHE A 56 -6.69 -19.52 25.28
C PHE A 56 -7.31 -20.89 25.13
N LYS A 57 -8.64 -20.97 25.24
CA LYS A 57 -9.34 -22.26 25.08
C LYS A 57 -10.16 -22.21 23.79
N MET A 58 -9.84 -23.08 22.82
CA MET A 58 -10.57 -23.06 21.55
C MET A 58 -11.84 -23.98 21.58
N ASN A 59 -11.90 -24.93 22.56
CA ASN A 59 -13.04 -25.82 22.81
C ASN A 59 -13.59 -26.63 21.62
N TYR A 60 -12.79 -26.80 20.54
CA TYR A 60 -13.18 -27.49 19.29
C TYR A 60 -14.37 -26.74 18.63
N GLN A 61 -14.19 -25.45 18.43
CA GLN A 61 -15.22 -24.62 17.82
C GLN A 61 -14.90 -24.37 16.31
N VAL A 62 -15.84 -24.78 15.44
CA VAL A 62 -15.71 -24.62 13.98
C VAL A 62 -16.38 -23.36 13.45
N ASN A 63 -16.77 -22.42 14.32
CA ASN A 63 -17.51 -21.24 13.93
C ASN A 63 -16.67 -20.12 13.27
N GLY A 64 -15.96 -20.47 12.20
CA GLY A 64 -15.16 -19.56 11.41
C GLY A 64 -13.83 -19.07 11.95
N TYR A 65 -13.43 -19.50 13.14
CA TYR A 65 -12.15 -19.08 13.72
C TYR A 65 -11.37 -20.35 14.10
N PRO A 66 -10.80 -21.07 13.11
CA PRO A 66 -10.15 -22.36 13.43
C PRO A 66 -8.80 -22.27 14.11
N ASN A 67 -8.10 -21.15 13.98
CA ASN A 67 -6.77 -20.96 14.54
C ASN A 67 -6.49 -19.45 14.66
N MET A 68 -5.81 -19.01 15.74
CA MET A 68 -5.44 -17.60 15.86
C MET A 68 -4.29 -17.25 14.88
N PHE A 69 -3.47 -18.27 14.51
CA PHE A 69 -2.35 -18.16 13.58
C PHE A 69 -2.80 -18.49 12.17
N ILE A 70 -2.22 -17.79 11.19
CA ILE A 70 -2.61 -17.97 9.79
C ILE A 70 -1.43 -18.35 8.89
N THR A 71 -1.73 -18.82 7.67
CA THR A 71 -0.72 -19.17 6.67
C THR A 71 -0.11 -17.91 6.02
N ARG A 72 1.06 -18.04 5.38
CA ARG A 72 1.73 -16.96 4.67
C ARG A 72 0.84 -16.44 3.52
N GLU A 73 0.16 -17.35 2.81
CA GLU A 73 -0.75 -17.02 1.69
C GLU A 73 -1.97 -16.22 2.18
N GLU A 74 -2.57 -16.63 3.32
CA GLU A 74 -3.69 -15.93 3.93
C GLU A 74 -3.23 -14.57 4.44
N ALA A 75 -1.99 -14.47 4.97
CA ALA A 75 -1.43 -13.22 5.45
C ALA A 75 -1.27 -12.24 4.26
N ILE A 76 -0.81 -12.72 3.10
CA ILE A 76 -0.65 -11.91 1.90
C ILE A 76 -2.00 -11.40 1.41
N ARG A 77 -3.05 -12.25 1.49
CA ARG A 77 -4.40 -11.82 1.11
C ARG A 77 -4.92 -10.72 2.04
N HIS A 78 -4.40 -10.67 3.29
CA HIS A 78 -4.83 -9.71 4.29
C HIS A 78 -3.73 -8.70 4.69
N VAL A 79 -2.82 -8.35 3.74
CA VAL A 79 -1.73 -7.40 4.00
C VAL A 79 -2.24 -6.07 4.62
N ARG A 80 -3.44 -5.56 4.22
CA ARG A 80 -4.00 -4.33 4.78
C ARG A 80 -4.28 -4.38 6.28
N ALA A 81 -4.34 -5.59 6.86
CA ALA A 81 -4.58 -5.80 8.28
C ALA A 81 -3.28 -5.90 9.08
N TRP A 82 -2.08 -5.83 8.43
CA TRP A 82 -0.82 -6.08 9.14
C TRP A 82 -0.43 -5.00 10.11
N ILE A 83 -0.18 -5.41 11.34
CA ILE A 83 0.28 -4.54 12.41
C ILE A 83 1.40 -5.29 13.07
N GLY A 84 2.60 -4.79 12.91
CA GLY A 84 3.79 -5.32 13.55
C GLY A 84 3.64 -5.15 15.04
N PHE A 85 3.95 -6.21 15.80
CA PHE A 85 3.76 -6.19 17.22
C PHE A 85 4.97 -6.81 17.92
N ASP A 86 5.48 -6.11 18.93
CA ASP A 86 6.60 -6.59 19.70
C ASP A 86 6.44 -6.21 21.17
N VAL A 87 6.83 -7.11 22.08
CA VAL A 87 6.76 -6.84 23.51
C VAL A 87 8.14 -7.07 24.12
N GLU A 88 8.60 -6.11 24.92
CA GLU A 88 9.89 -6.19 25.59
C GLU A 88 9.70 -6.11 27.12
N GLY A 89 10.43 -6.92 27.87
CA GLY A 89 10.38 -6.87 29.33
C GLY A 89 11.10 -5.63 29.82
N CYS A 90 10.58 -4.93 30.84
CA CYS A 90 11.22 -3.71 31.35
C CYS A 90 11.97 -3.97 32.66
N HIS A 91 11.41 -4.82 33.52
CA HIS A 91 12.06 -5.15 34.78
C HIS A 91 12.50 -6.63 34.81
N GLY A 98 7.28 -16.46 39.93
CA GLY A 98 6.56 -15.94 38.77
C GLY A 98 5.96 -14.56 39.06
N THR A 99 6.80 -13.60 39.47
CA THR A 99 6.34 -12.24 39.78
C THR A 99 6.36 -11.34 38.53
N ASN A 100 5.17 -10.98 38.02
CA ASN A 100 5.03 -10.15 36.82
C ASN A 100 5.73 -8.76 36.92
N LEU A 101 6.40 -8.35 35.80
CA LEU A 101 7.14 -7.09 35.62
C LEU A 101 6.53 -6.23 34.48
N PRO A 102 6.86 -4.90 34.38
CA PRO A 102 6.23 -4.07 33.32
C PRO A 102 6.66 -4.41 31.90
N LEU A 103 5.74 -4.32 30.94
CA LEU A 103 6.05 -4.65 29.55
C LEU A 103 5.91 -3.43 28.62
N GLN A 104 6.83 -3.33 27.64
CA GLN A 104 6.73 -2.28 26.64
C GLN A 104 6.12 -2.94 25.42
N LEU A 105 4.91 -2.52 25.08
CA LEU A 105 4.13 -2.99 23.94
C LEU A 105 4.45 -2.04 22.78
N GLY A 106 4.93 -2.57 21.68
CA GLY A 106 5.26 -1.76 20.52
C GLY A 106 4.47 -2.19 19.31
N PHE A 107 4.03 -1.21 18.53
CA PHE A 107 3.23 -1.45 17.34
C PHE A 107 3.89 -0.75 16.15
N SER A 108 3.71 -1.31 14.94
CA SER A 108 4.29 -0.69 13.75
C SER A 108 3.61 0.68 13.40
N THR A 109 2.58 1.09 14.15
CA THR A 109 2.05 2.45 14.07
C THR A 109 3.06 3.44 14.76
N GLY A 110 4.13 2.95 15.38
CA GLY A 110 5.10 3.78 16.09
C GLY A 110 4.77 3.99 17.55
N VAL A 111 3.64 3.45 18.01
CA VAL A 111 3.21 3.56 19.39
C VAL A 111 3.90 2.55 20.33
N ASN A 112 4.30 3.03 21.53
CA ASN A 112 4.86 2.25 22.63
C ASN A 112 4.04 2.53 23.87
N LEU A 113 3.37 1.51 24.40
CA LEU A 113 2.58 1.60 25.62
C LEU A 113 3.30 0.79 26.69
N VAL A 114 3.33 1.26 27.94
CA VAL A 114 3.95 0.50 29.02
C VAL A 114 2.84 -0.02 29.92
N ALA A 115 2.72 -1.34 30.05
CA ALA A 115 1.70 -1.95 30.89
C ALA A 115 2.33 -2.40 32.19
N VAL A 116 1.77 -1.98 33.34
CA VAL A 116 2.25 -2.42 34.65
C VAL A 116 1.25 -3.44 35.21
N PRO A 117 1.74 -4.51 35.86
CA PRO A 117 0.82 -5.55 36.36
C PRO A 117 0.20 -5.33 37.74
N THR A 118 0.67 -4.27 38.47
CA THR A 118 0.30 -3.85 39.83
C THR A 118 -0.92 -4.58 40.45
N PRO A 147 8.13 5.97 17.75
CA PRO A 147 8.76 7.08 18.49
C PRO A 147 7.92 7.56 19.68
N LEU A 148 6.57 7.49 19.57
CA LEU A 148 5.68 7.93 20.64
C LEU A 148 5.55 6.88 21.75
N MET A 149 6.22 7.16 22.89
CA MET A 149 6.28 6.28 24.05
C MET A 149 5.50 6.86 25.24
N TYR A 150 4.58 6.07 25.83
CA TYR A 150 3.78 6.54 26.96
C TYR A 150 4.16 5.79 28.25
N LYS A 151 3.98 6.46 29.42
CA LYS A 151 4.30 5.93 30.75
C LYS A 151 3.44 4.71 31.15
N GLY A 152 3.94 3.97 32.16
CA GLY A 152 3.36 2.74 32.71
C GLY A 152 2.01 2.85 33.38
N LEU A 153 1.03 2.14 32.83
CA LEU A 153 -0.35 2.15 33.32
C LEU A 153 -0.90 0.73 33.38
N PRO A 154 -1.89 0.44 34.26
CA PRO A 154 -2.42 -0.93 34.33
C PRO A 154 -3.08 -1.40 33.04
N TRP A 155 -3.14 -2.70 32.84
CA TRP A 155 -3.74 -3.30 31.65
C TRP A 155 -5.18 -2.86 31.34
N ASN A 156 -6.01 -2.60 32.37
CA ASN A 156 -7.40 -2.18 32.15
C ASN A 156 -7.49 -0.89 31.35
N VAL A 157 -6.49 0.00 31.45
CA VAL A 157 -6.51 1.23 30.67
C VAL A 157 -5.69 1.03 29.36
N VAL A 158 -4.60 0.25 29.40
CA VAL A 158 -3.80 -0.07 28.21
C VAL A 158 -4.68 -0.73 27.10
N ARG A 159 -5.56 -1.66 27.50
CA ARG A 159 -6.39 -2.36 26.53
C ARG A 159 -7.41 -1.43 25.83
N ILE A 160 -7.88 -0.33 26.49
CA ILE A 160 -8.75 0.67 25.85
C ILE A 160 -7.94 1.40 24.77
N LYS A 161 -6.70 1.79 25.11
CA LYS A 161 -5.82 2.44 24.16
C LYS A 161 -5.54 1.58 22.91
N ILE A 162 -5.30 0.25 23.09
CA ILE A 162 -5.01 -0.69 22.01
C ILE A 162 -6.17 -0.79 21.03
N VAL A 163 -7.38 -0.94 21.55
CA VAL A 163 -8.58 -1.00 20.72
C VAL A 163 -8.77 0.30 19.94
N GLN A 164 -8.59 1.48 20.58
CA GLN A 164 -8.69 2.76 19.89
C GLN A 164 -7.68 2.86 18.74
N MET A 165 -6.42 2.54 19.03
CA MET A 165 -5.34 2.66 18.05
C MET A 165 -5.57 1.77 16.82
N LEU A 166 -5.88 0.49 17.04
CA LEU A 166 -6.12 -0.44 15.95
C LEU A 166 -7.37 -0.07 15.16
N SER A 167 -8.42 0.40 15.85
CA SER A 167 -9.66 0.78 15.19
C SER A 167 -9.47 1.97 14.29
N ASP A 168 -8.71 2.99 14.75
CA ASP A 168 -8.47 4.16 13.92
C ASP A 168 -7.56 3.84 12.75
N THR A 169 -6.57 2.97 12.97
CA THR A 169 -5.63 2.59 11.95
C THR A 169 -6.28 1.72 10.87
N LEU A 170 -7.12 0.77 11.28
CA LEU A 170 -7.66 -0.21 10.35
C LEU A 170 -9.07 -0.03 9.85
N LYS A 171 -9.92 0.85 10.42
CA LYS A 171 -11.32 0.92 9.98
C LYS A 171 -11.50 1.15 8.48
N ASN A 172 -10.61 1.92 7.87
CA ASN A 172 -10.68 2.19 6.44
C ASN A 172 -9.81 1.24 5.58
N LEU A 173 -9.15 0.24 6.19
CA LEU A 173 -8.27 -0.65 5.45
C LEU A 173 -8.76 -2.08 5.40
N SER A 174 -9.21 -2.62 6.54
CA SER A 174 -9.48 -4.04 6.62
C SER A 174 -10.58 -4.40 7.59
N ASP A 175 -11.14 -5.62 7.41
CA ASP A 175 -12.15 -6.17 8.30
C ASP A 175 -11.54 -6.96 9.49
N ARG A 176 -10.21 -6.91 9.66
CA ARG A 176 -9.53 -7.64 10.72
C ARG A 176 -8.17 -6.97 11.05
N VAL A 177 -7.41 -7.61 11.95
CA VAL A 177 -6.04 -7.28 12.31
C VAL A 177 -5.22 -8.56 12.19
N VAL A 178 -3.98 -8.45 11.68
CA VAL A 178 -3.01 -9.53 11.59
C VAL A 178 -1.78 -9.02 12.34
N PHE A 179 -1.52 -9.54 13.54
CA PHE A 179 -0.32 -9.17 14.29
C PHE A 179 0.89 -9.90 13.67
N VAL A 180 1.87 -9.14 13.17
CA VAL A 180 3.05 -9.68 12.53
C VAL A 180 4.15 -9.72 13.57
N LEU A 181 4.67 -10.93 13.84
CA LEU A 181 5.63 -11.11 14.93
C LEU A 181 6.97 -11.63 14.50
N TRP A 182 7.97 -11.39 15.35
CA TRP A 182 9.28 -12.02 15.34
C TRP A 182 9.29 -12.62 16.77
N ALA A 183 8.47 -13.65 16.98
CA ALA A 183 8.14 -14.18 18.29
C ALA A 183 9.30 -14.65 19.16
N HIS A 184 9.43 -14.00 20.34
CA HIS A 184 10.40 -14.40 21.34
C HIS A 184 9.76 -14.89 22.66
N GLY A 185 8.48 -14.60 22.89
CA GLY A 185 7.80 -15.08 24.09
C GLY A 185 6.83 -14.11 24.77
N PHE A 186 7.33 -12.93 25.17
CA PHE A 186 6.49 -11.92 25.83
C PHE A 186 5.28 -11.44 25.04
N GLU A 187 5.36 -11.38 23.71
CA GLU A 187 4.24 -10.88 22.89
C GLU A 187 3.07 -11.88 22.86
N LEU A 188 3.38 -13.16 22.74
CA LEU A 188 2.40 -14.24 22.73
C LEU A 188 1.76 -14.38 24.10
N THR A 189 2.55 -14.29 25.17
CA THR A 189 2.04 -14.43 26.53
C THR A 189 1.37 -13.15 27.05
N SER A 190 1.50 -12.01 26.35
CA SER A 190 0.82 -10.81 26.75
C SER A 190 -0.57 -10.71 26.10
N MET A 191 -0.86 -11.50 25.05
CA MET A 191 -2.11 -11.44 24.32
C MET A 191 -3.34 -11.68 25.16
N LYS A 192 -3.26 -12.50 26.19
CA LYS A 192 -4.40 -12.80 27.07
C LYS A 192 -4.93 -11.56 27.83
N TYR A 193 -4.11 -10.51 27.96
CA TYR A 193 -4.49 -9.31 28.69
C TYR A 193 -5.30 -8.32 27.87
N PHE A 194 -5.31 -8.47 26.53
CA PHE A 194 -6.03 -7.54 25.66
C PHE A 194 -6.77 -8.24 24.52
N VAL A 195 -6.78 -9.58 24.47
CA VAL A 195 -7.45 -10.33 23.40
C VAL A 195 -8.51 -11.28 23.98
N LYS A 196 -9.70 -11.35 23.34
CA LYS A 196 -10.75 -12.34 23.62
C LYS A 196 -11.01 -13.08 22.29
N ILE A 197 -11.31 -14.37 22.36
CA ILE A 197 -11.59 -15.17 21.18
C ILE A 197 -12.93 -15.95 21.33
N GLY A 198 -13.46 -16.41 20.22
CA GLY A 198 -14.68 -17.20 20.20
C GLY A 198 -15.20 -17.37 18.80
N PRO A 199 -16.50 -17.63 18.68
CA PRO A 199 -17.10 -17.75 17.34
C PRO A 199 -17.02 -16.45 16.54
N GLU A 200 -17.05 -16.57 15.22
CA GLU A 200 -17.07 -15.39 14.36
C GLU A 200 -18.41 -14.69 14.56
N ARG A 201 -18.36 -13.39 14.78
CA ARG A 201 -19.55 -12.61 15.09
C ARG A 201 -19.72 -11.41 14.18
N THR A 202 -20.89 -10.74 14.25
CA THR A 202 -21.10 -9.51 13.52
C THR A 202 -21.24 -8.35 14.52
N CYS A 203 -21.07 -7.13 14.02
CA CYS A 203 -21.14 -5.91 14.81
C CYS A 203 -22.55 -5.67 15.36
N CYS A 204 -22.63 -5.04 16.54
CA CYS A 204 -23.92 -4.71 17.14
C CYS A 204 -24.60 -3.59 16.36
N LEU A 205 -23.82 -2.60 15.87
CA LEU A 205 -24.34 -1.47 15.12
C LEU A 205 -24.36 -1.65 13.60
N CYS A 206 -23.78 -2.74 13.04
CA CYS A 206 -23.76 -2.92 11.58
C CYS A 206 -23.53 -4.41 11.15
N ASP A 207 -23.36 -4.67 9.84
CA ASP A 207 -23.20 -6.02 9.30
C ASP A 207 -21.75 -6.49 9.14
N ARG A 208 -20.77 -5.67 9.54
CA ARG A 208 -19.36 -6.07 9.45
C ARG A 208 -19.01 -7.12 10.50
N ARG A 209 -17.89 -7.85 10.32
CA ARG A 209 -17.49 -8.86 11.32
C ARG A 209 -16.96 -8.16 12.57
N ALA A 210 -17.20 -8.76 13.73
CA ALA A 210 -16.74 -8.23 15.01
C ALA A 210 -15.21 -8.32 15.12
N THR A 211 -14.57 -7.20 15.46
CA THR A 211 -13.13 -7.13 15.68
C THR A 211 -12.79 -6.71 17.12
N CYS A 212 -13.77 -6.24 17.91
CA CYS A 212 -13.63 -5.73 19.27
C CYS A 212 -14.73 -6.29 20.19
N PHE A 213 -14.51 -6.20 21.50
CA PHE A 213 -15.46 -6.63 22.50
C PHE A 213 -15.45 -5.65 23.70
N SER A 214 -16.62 -5.41 24.30
CA SER A 214 -16.70 -4.55 25.46
C SER A 214 -17.20 -5.31 26.70
N THR A 215 -16.41 -5.32 27.79
CA THR A 215 -16.86 -5.90 29.04
C THR A 215 -17.85 -4.96 29.76
N ALA A 216 -17.88 -3.65 29.42
CA ALA A 216 -18.82 -2.72 30.03
C ALA A 216 -20.25 -3.06 29.58
N SER A 217 -20.49 -3.24 28.27
CA SER A 217 -21.80 -3.52 27.71
C SER A 217 -22.07 -5.00 27.32
N ASP A 218 -21.07 -5.87 27.35
CA ASP A 218 -21.23 -7.26 26.92
C ASP A 218 -21.63 -7.37 25.43
N THR A 219 -21.05 -6.52 24.56
CA THR A 219 -21.40 -6.49 23.14
C THR A 219 -20.16 -6.50 22.19
N TYR A 220 -20.40 -6.67 20.87
CA TYR A 220 -19.36 -6.76 19.85
C TYR A 220 -19.45 -5.66 18.82
N ALA A 221 -18.28 -5.27 18.29
CA ALA A 221 -18.23 -4.25 17.27
C ALA A 221 -17.08 -4.41 16.30
N CYS A 222 -17.26 -3.87 15.08
CA CYS A 222 -16.27 -3.79 14.02
C CYS A 222 -15.31 -2.60 14.38
N TRP A 223 -14.35 -2.24 13.49
CA TRP A 223 -13.43 -1.14 13.77
C TRP A 223 -14.16 0.24 13.75
N HIS A 224 -15.27 0.35 13.01
CA HIS A 224 -16.00 1.63 12.91
C HIS A 224 -16.88 1.97 14.12
N HIS A 225 -17.31 0.98 14.91
CA HIS A 225 -18.27 1.18 15.99
C HIS A 225 -17.79 0.74 17.35
N SER A 226 -16.49 0.77 17.58
CA SER A 226 -15.89 0.23 18.80
C SER A 226 -15.41 1.27 19.81
N ILE A 227 -15.99 2.49 19.79
CA ILE A 227 -15.60 3.57 20.72
C ILE A 227 -15.85 3.14 22.16
N GLY A 228 -14.81 3.21 22.97
CA GLY A 228 -14.90 2.77 24.35
C GLY A 228 -14.78 1.28 24.58
N PHE A 229 -14.55 0.46 23.52
CA PHE A 229 -14.41 -1.00 23.72
C PHE A 229 -13.02 -1.32 24.29
N ASP A 230 -12.91 -2.37 25.10
CA ASP A 230 -11.66 -2.71 25.77
C ASP A 230 -10.93 -3.97 25.29
N TYR A 231 -11.54 -4.82 24.44
CA TYR A 231 -10.86 -6.08 24.03
C TYR A 231 -10.73 -6.29 22.54
N VAL A 232 -9.57 -6.79 22.07
CA VAL A 232 -9.41 -7.12 20.67
C VAL A 232 -10.06 -8.50 20.51
N TYR A 233 -11.02 -8.62 19.60
CA TYR A 233 -11.75 -9.88 19.41
C TYR A 233 -11.37 -10.60 18.15
N ASN A 234 -11.08 -11.91 18.28
CA ASN A 234 -10.70 -12.79 17.17
C ASN A 234 -9.62 -12.17 16.26
N PRO A 235 -8.49 -11.72 16.84
CA PRO A 235 -7.42 -11.22 15.99
C PRO A 235 -6.69 -12.38 15.32
N PHE A 236 -5.92 -12.06 14.29
CA PHE A 236 -5.09 -13.07 13.62
C PHE A 236 -3.64 -12.68 13.84
N MET A 237 -2.74 -13.63 13.66
CA MET A 237 -1.33 -13.41 13.88
C MET A 237 -0.47 -14.38 13.08
N ILE A 238 0.77 -13.99 12.82
CA ILE A 238 1.72 -14.76 12.04
C ILE A 238 3.12 -14.51 12.57
N ASP A 239 3.89 -15.56 12.74
CA ASP A 239 5.25 -15.47 13.24
C ASP A 239 6.22 -15.64 12.09
N VAL A 240 6.91 -14.53 11.73
CA VAL A 240 7.91 -14.42 10.66
C VAL A 240 9.08 -15.35 10.92
N GLN A 241 9.45 -15.52 12.19
CA GLN A 241 10.53 -16.41 12.56
C GLN A 241 10.26 -17.87 12.11
N GLN A 242 8.97 -18.27 11.92
CA GLN A 242 8.59 -19.61 11.42
C GLN A 242 8.88 -19.83 9.93
N TRP A 243 9.41 -18.84 9.23
CA TRP A 243 9.65 -18.96 7.79
C TRP A 243 11.03 -19.46 7.41
N GLY A 244 11.88 -19.75 8.39
CA GLY A 244 13.22 -20.24 8.12
C GLY A 244 14.19 -19.10 7.95
N PHE A 245 14.79 -18.69 9.05
CA PHE A 245 15.70 -17.55 9.03
C PHE A 245 16.91 -17.83 9.91
N THR A 246 18.05 -17.27 9.52
CA THR A 246 19.28 -17.39 10.30
C THR A 246 19.60 -16.02 10.87
N GLY A 247 19.91 -16.00 12.16
CA GLY A 247 20.23 -14.75 12.84
C GLY A 247 19.01 -14.03 13.34
N ASN A 248 19.25 -12.92 14.05
CA ASN A 248 18.20 -12.12 14.66
C ASN A 248 17.44 -11.22 13.66
N LEU A 249 16.36 -10.58 14.12
CA LEU A 249 15.52 -9.66 13.35
C LEU A 249 16.32 -8.56 12.70
N GLN A 250 17.18 -7.84 13.47
CA GLN A 250 17.92 -6.73 12.88
C GLN A 250 18.80 -7.16 11.70
N SER A 251 19.56 -8.25 11.86
CA SER A 251 20.42 -8.79 10.79
C SER A 251 19.65 -9.09 9.50
N ASN A 252 18.47 -9.72 9.60
CA ASN A 252 17.67 -10.02 8.42
C ASN A 252 17.00 -8.75 7.78
N HIS A 253 16.47 -7.84 8.62
CA HIS A 253 15.83 -6.61 8.16
C HIS A 253 16.83 -5.72 7.45
N ASP A 254 18.02 -5.51 8.06
CA ASP A 254 19.06 -4.63 7.53
C ASP A 254 19.70 -5.10 6.24
N LEU A 255 19.44 -6.34 5.83
CA LEU A 255 19.93 -6.88 4.56
C LEU A 255 19.26 -6.21 3.36
N TYR A 256 18.02 -5.69 3.56
CA TYR A 256 17.18 -5.11 2.51
C TYR A 256 16.68 -3.69 2.81
N CYS A 257 16.84 -3.20 4.06
CA CYS A 257 16.32 -1.89 4.41
C CYS A 257 17.26 -1.06 5.26
N GLN A 258 17.63 0.09 4.75
CA GLN A 258 18.48 1.04 5.47
C GLN A 258 17.65 2.22 6.08
N VAL A 259 16.31 2.25 5.86
CA VAL A 259 15.40 3.30 6.29
C VAL A 259 14.93 3.15 7.75
N HIS A 260 14.65 1.92 8.21
CA HIS A 260 14.23 1.70 9.59
C HIS A 260 15.43 1.39 10.44
N GLY A 261 15.67 2.21 11.44
CA GLY A 261 16.78 1.99 12.36
C GLY A 261 16.34 1.21 13.58
N ASN A 262 17.30 0.87 14.47
CA ASN A 262 16.93 0.19 15.71
C ASN A 262 17.26 1.06 16.89
N ALA A 263 16.37 2.00 17.21
CA ALA A 263 16.57 2.87 18.38
C ALA A 263 16.32 2.11 19.70
N HIS A 264 16.39 0.75 19.67
CA HIS A 264 16.21 -0.19 20.77
C HIS A 264 14.91 0.06 21.54
N VAL A 265 13.79 0.05 20.82
CA VAL A 265 12.48 0.24 21.41
C VAL A 265 11.50 -0.75 20.76
N ALA A 266 10.51 -1.25 21.53
CA ALA A 266 9.55 -2.24 21.02
C ALA A 266 8.92 -1.90 19.66
N SER A 267 8.49 -0.62 19.44
CA SER A 267 7.92 -0.20 18.16
C SER A 267 8.94 -0.29 17.02
N CYS A 268 10.26 -0.10 17.30
CA CYS A 268 11.31 -0.22 16.28
C CYS A 268 11.34 -1.67 15.76
N ASP A 269 11.24 -2.65 16.68
CA ASP A 269 11.23 -4.05 16.31
C ASP A 269 9.94 -4.41 15.57
N ALA A 270 8.80 -3.87 16.00
CA ALA A 270 7.49 -4.10 15.40
C ALA A 270 7.46 -3.59 13.95
N ILE A 271 8.08 -2.43 13.70
CA ILE A 271 8.19 -1.81 12.39
C ILE A 271 9.11 -2.66 11.48
N MET A 272 10.33 -3.03 12.00
CA MET A 272 11.28 -3.89 11.29
C MET A 272 10.64 -5.25 10.93
N THR A 273 9.82 -5.81 11.85
CA THR A 273 9.14 -7.08 11.65
C THR A 273 8.21 -7.04 10.44
N ARG A 274 7.26 -6.09 10.41
CA ARG A 274 6.30 -5.89 9.33
C ARG A 274 7.05 -5.56 8.02
N CYS A 275 8.12 -4.70 8.10
CA CYS A 275 8.95 -4.39 6.94
C CYS A 275 9.56 -5.67 6.33
N LEU A 276 10.23 -6.51 7.15
CA LEU A 276 10.83 -7.73 6.63
C LEU A 276 9.76 -8.67 6.03
N ALA A 277 8.58 -8.77 6.68
CA ALA A 277 7.47 -9.56 6.18
C ALA A 277 7.00 -9.04 4.79
N VAL A 278 6.94 -7.69 4.58
CA VAL A 278 6.57 -7.04 3.31
C VAL A 278 7.64 -7.36 2.24
N HIS A 279 8.93 -7.29 2.61
CA HIS A 279 10.00 -7.64 1.69
C HIS A 279 9.88 -9.10 1.19
N GLU A 280 9.63 -10.05 2.09
CA GLU A 280 9.51 -11.46 1.72
C GLU A 280 8.31 -11.76 0.86
N CYS A 281 7.20 -11.09 1.13
CA CYS A 281 5.94 -11.39 0.47
C CYS A 281 5.64 -10.53 -0.76
N PHE A 282 6.26 -9.35 -0.90
CA PHE A 282 5.91 -8.43 -1.98
C PHE A 282 7.09 -7.87 -2.77
N VAL A 283 8.31 -7.97 -2.23
CA VAL A 283 9.48 -7.46 -2.93
C VAL A 283 10.21 -8.62 -3.61
N LYS A 284 10.63 -9.63 -2.82
CA LYS A 284 11.36 -10.79 -3.29
C LYS A 284 10.42 -11.76 -4.03
N ARG A 285 9.21 -11.94 -3.50
CA ARG A 285 8.18 -12.78 -4.10
C ARG A 285 7.09 -11.82 -4.59
N VAL A 286 6.67 -11.95 -5.86
CA VAL A 286 5.61 -11.09 -6.37
C VAL A 286 4.43 -11.93 -6.89
N ASP A 287 3.21 -11.60 -6.47
CA ASP A 287 2.04 -12.31 -6.96
C ASP A 287 0.99 -11.31 -7.43
N TRP A 288 0.91 -11.12 -8.75
CA TRP A 288 -0.09 -10.20 -9.30
C TRP A 288 -1.44 -10.89 -9.62
N THR A 289 -1.64 -12.17 -9.23
CA THR A 289 -2.92 -12.83 -9.47
C THR A 289 -3.90 -12.38 -8.38
N ILE A 290 -3.46 -12.45 -7.10
CA ILE A 290 -4.21 -12.07 -5.91
C ILE A 290 -4.97 -10.75 -6.05
N GLU A 291 -6.28 -10.83 -5.90
CA GLU A 291 -7.25 -9.76 -5.93
C GLU A 291 -7.42 -9.18 -4.53
N TYR A 292 -7.71 -7.89 -4.43
CA TYR A 292 -7.92 -7.22 -3.14
C TYR A 292 -9.25 -6.44 -3.19
N PRO A 293 -10.02 -6.46 -2.08
CA PRO A 293 -11.31 -5.75 -2.07
C PRO A 293 -11.23 -4.25 -2.35
N ILE A 294 -12.34 -3.66 -2.85
CA ILE A 294 -12.41 -2.23 -3.12
C ILE A 294 -12.72 -1.50 -1.82
N ILE A 295 -11.82 -0.65 -1.35
CA ILE A 295 -11.98 0.07 -0.08
C ILE A 295 -12.00 1.62 -0.21
N GLY A 296 -11.92 2.11 -1.44
CA GLY A 296 -11.87 3.53 -1.67
C GLY A 296 -12.20 3.91 -3.10
N ASP A 297 -11.36 4.76 -3.68
CA ASP A 297 -11.54 5.34 -5.00
C ASP A 297 -10.85 4.60 -6.11
N GLU A 298 -10.52 3.32 -5.93
CA GLU A 298 -9.83 2.52 -6.93
C GLU A 298 -10.33 2.69 -8.37
N LEU A 299 -11.62 2.50 -8.59
CA LEU A 299 -12.20 2.59 -9.92
C LEU A 299 -12.09 3.97 -10.56
N LYS A 300 -12.28 5.05 -9.76
CA LYS A 300 -12.16 6.42 -10.26
C LYS A 300 -10.71 6.73 -10.55
N ILE A 301 -9.78 6.31 -9.66
CA ILE A 301 -8.34 6.53 -9.81
C ILE A 301 -7.84 5.86 -11.09
N ASN A 302 -8.28 4.64 -11.32
CA ASN A 302 -7.87 3.89 -12.50
C ASN A 302 -8.46 4.48 -13.79
N ALA A 303 -9.72 4.90 -13.76
CA ALA A 303 -10.38 5.53 -14.90
C ALA A 303 -9.70 6.87 -15.22
N ALA A 304 -9.34 7.64 -14.17
CA ALA A 304 -8.63 8.89 -14.30
C ALA A 304 -7.29 8.67 -14.99
N CYS A 305 -6.47 7.71 -14.52
CA CYS A 305 -5.17 7.33 -15.07
C CYS A 305 -5.23 7.09 -16.58
N ARG A 306 -6.22 6.30 -17.05
CA ARG A 306 -6.41 6.02 -18.47
C ARG A 306 -6.79 7.31 -19.26
N LYS A 307 -7.63 8.19 -18.68
CA LYS A 307 -8.02 9.42 -19.35
C LYS A 307 -6.83 10.37 -19.43
N VAL A 308 -6.06 10.51 -18.33
CA VAL A 308 -4.90 11.39 -18.28
C VAL A 308 -3.82 10.89 -19.26
N GLN A 309 -3.62 9.58 -19.33
CA GLN A 309 -2.62 9.02 -20.26
C GLN A 309 -2.96 9.32 -21.72
N HIS A 310 -4.22 9.11 -22.12
CA HIS A 310 -4.64 9.34 -23.50
C HIS A 310 -4.48 10.83 -23.86
N MET A 311 -4.89 11.72 -22.96
CA MET A 311 -4.84 13.16 -23.09
C MET A 311 -3.40 13.65 -23.25
N VAL A 312 -2.51 13.22 -22.34
CA VAL A 312 -1.13 13.67 -22.30
C VAL A 312 -0.31 13.13 -23.46
N VAL A 313 -0.53 11.87 -23.84
CA VAL A 313 0.21 11.28 -24.96
C VAL A 313 -0.31 11.86 -26.27
N LYS A 314 -1.63 11.96 -26.43
CA LYS A 314 -2.25 12.52 -27.64
C LYS A 314 -1.74 13.95 -27.93
N ALA A 315 -1.64 14.78 -26.89
CA ALA A 315 -1.16 16.14 -27.04
C ALA A 315 0.32 16.21 -27.31
N ALA A 316 1.13 15.26 -26.79
CA ALA A 316 2.56 15.27 -27.07
C ALA A 316 2.81 14.99 -28.58
N LEU A 317 2.10 13.99 -29.11
CA LEU A 317 2.19 13.62 -30.51
C LEU A 317 1.71 14.77 -31.43
N LEU A 318 0.72 15.58 -30.99
CA LEU A 318 0.23 16.70 -31.79
C LEU A 318 1.16 17.90 -31.70
N ALA A 319 1.76 18.16 -30.53
CA ALA A 319 2.60 19.36 -30.35
C ALA A 319 3.99 19.21 -30.96
N ASP A 320 4.56 18.01 -30.93
CA ASP A 320 5.93 17.82 -31.42
C ASP A 320 6.07 16.81 -32.55
N LYS A 321 4.96 16.28 -33.09
CA LYS A 321 4.91 15.32 -34.20
C LYS A 321 6.07 14.30 -34.23
N PHE A 322 6.26 13.56 -33.12
CA PHE A 322 7.31 12.55 -33.05
C PHE A 322 7.01 11.45 -34.06
N PRO A 323 8.00 11.04 -34.85
CA PRO A 323 7.75 9.95 -35.83
C PRO A 323 7.54 8.57 -35.17
N VAL A 324 8.20 8.35 -34.02
CA VAL A 324 8.14 7.09 -33.32
C VAL A 324 7.94 7.31 -31.80
N LEU A 325 7.18 6.40 -31.17
CA LEU A 325 6.95 6.39 -29.74
C LEU A 325 7.44 5.00 -29.21
N HIS A 326 8.30 5.00 -28.18
CA HIS A 326 8.82 3.81 -27.52
C HIS A 326 8.05 3.66 -26.23
N ASP A 327 7.12 2.72 -26.20
CA ASP A 327 6.29 2.46 -25.05
C ASP A 327 6.97 1.36 -24.22
N ILE A 328 7.59 1.75 -23.09
CA ILE A 328 8.31 0.85 -22.20
C ILE A 328 7.56 0.59 -20.89
N GLY A 329 7.20 -0.66 -20.64
CA GLY A 329 6.49 -1.01 -19.43
C GLY A 329 5.68 -2.28 -19.56
N ASN A 330 4.49 -2.29 -18.97
CA ASN A 330 3.62 -3.47 -18.96
C ASN A 330 3.56 -4.28 -20.25
N PRO A 331 3.91 -5.58 -20.19
CA PRO A 331 3.83 -6.40 -21.41
C PRO A 331 2.40 -6.56 -21.95
N LYS A 332 1.36 -6.25 -21.16
CA LYS A 332 -0.01 -6.33 -21.61
C LYS A 332 -0.58 -4.97 -22.09
N ALA A 333 0.26 -3.92 -22.21
CA ALA A 333 -0.18 -2.59 -22.64
C ALA A 333 -0.72 -2.50 -24.05
N ILE A 334 -1.73 -1.67 -24.21
CA ILE A 334 -2.39 -1.39 -25.46
C ILE A 334 -2.07 0.08 -25.88
N LYS A 335 -2.19 0.43 -27.20
CA LYS A 335 -1.96 1.79 -27.70
C LYS A 335 -2.93 2.77 -26.99
N CYS A 336 -2.40 3.70 -26.17
CA CYS A 336 -3.25 4.60 -25.42
C CYS A 336 -3.88 5.72 -26.29
N VAL A 337 -3.35 5.95 -27.50
CA VAL A 337 -3.88 6.91 -28.49
C VAL A 337 -3.96 6.12 -29.81
N PRO A 338 -4.94 5.18 -29.94
CA PRO A 338 -5.00 4.33 -31.14
C PRO A 338 -5.11 5.02 -32.49
N GLN A 339 -5.64 6.25 -32.56
CA GLN A 339 -5.75 6.95 -33.83
C GLN A 339 -4.47 7.72 -34.22
N ALA A 340 -3.49 7.84 -33.31
CA ALA A 340 -2.27 8.60 -33.62
C ALA A 340 -1.46 8.04 -34.79
N ASP A 341 -0.87 8.95 -35.58
CA ASP A 341 -0.12 8.64 -36.80
C ASP A 341 1.14 7.81 -36.56
N VAL A 342 1.79 8.06 -35.42
CA VAL A 342 3.06 7.53 -34.92
C VAL A 342 3.29 6.00 -35.06
N GLU A 343 4.57 5.65 -35.22
CA GLU A 343 5.00 4.26 -35.27
C GLU A 343 5.07 3.87 -33.81
N TRP A 344 4.11 3.06 -33.35
CA TRP A 344 4.09 2.65 -31.94
C TRP A 344 4.88 1.34 -31.68
N LYS A 345 5.99 1.42 -30.91
CA LYS A 345 6.82 0.26 -30.60
C LYS A 345 6.77 -0.04 -29.11
N PHE A 346 6.43 -1.30 -28.76
CA PHE A 346 6.35 -1.78 -27.38
C PHE A 346 7.60 -2.54 -26.90
N TYR A 347 7.91 -2.37 -25.61
CA TYR A 347 9.00 -2.99 -24.87
C TYR A 347 8.40 -3.45 -23.56
N ASP A 348 8.68 -4.71 -23.20
CA ASP A 348 8.14 -5.35 -22.01
C ASP A 348 9.08 -5.22 -20.82
N ALA A 349 8.55 -4.72 -19.71
CA ALA A 349 9.25 -4.60 -18.45
C ALA A 349 8.19 -4.66 -17.37
N GLN A 350 8.28 -5.65 -16.50
CA GLN A 350 7.33 -5.83 -15.41
C GLN A 350 7.54 -4.78 -14.32
N PRO A 351 6.54 -4.50 -13.46
CA PRO A 351 6.74 -3.52 -12.40
C PRO A 351 7.87 -3.90 -11.47
N CYS A 352 8.91 -3.06 -11.39
CA CYS A 352 10.04 -3.33 -10.53
C CYS A 352 9.61 -3.09 -9.10
N SER A 353 9.73 -4.11 -8.27
CA SER A 353 9.31 -3.99 -6.87
C SER A 353 10.46 -3.82 -5.87
N ASP A 354 11.69 -4.11 -6.30
CA ASP A 354 12.85 -3.98 -5.43
C ASP A 354 13.50 -2.61 -5.70
N LYS A 355 14.40 -2.52 -6.68
CA LYS A 355 15.04 -1.27 -7.02
C LYS A 355 14.52 -0.81 -8.37
N ALA A 356 14.54 0.51 -8.61
CA ALA A 356 14.12 1.04 -9.92
C ALA A 356 15.06 0.53 -11.00
N TYR A 357 14.53 0.27 -12.20
CA TYR A 357 15.36 -0.17 -13.31
C TYR A 357 16.49 0.80 -13.64
N LYS A 358 17.66 0.28 -13.99
CA LYS A 358 18.77 1.08 -14.44
C LYS A 358 18.52 1.25 -15.94
N ILE A 359 18.50 2.50 -16.43
CA ILE A 359 18.23 2.76 -17.86
C ILE A 359 19.31 2.05 -18.75
N GLU A 360 20.53 1.87 -18.24
CA GLU A 360 21.59 1.20 -18.99
C GLU A 360 21.22 -0.27 -19.29
N GLU A 361 20.44 -0.93 -18.41
CA GLU A 361 20.04 -2.30 -18.64
C GLU A 361 18.74 -2.40 -19.45
N LEU A 362 17.88 -1.37 -19.40
CA LEU A 362 16.63 -1.38 -20.17
C LEU A 362 16.89 -1.05 -21.65
N PHE A 363 17.79 -0.08 -21.92
CA PHE A 363 18.06 0.45 -23.26
C PHE A 363 19.30 -0.01 -23.98
N TYR A 364 20.44 -0.10 -23.28
CA TYR A 364 21.70 -0.43 -23.95
C TYR A 364 21.87 -1.96 -24.13
N SER A 365 23.08 -2.41 -24.52
CA SER A 365 23.42 -3.80 -24.78
C SER A 365 22.78 -4.31 -26.10
N TYR A 366 22.61 -3.39 -27.07
CA TYR A 366 22.02 -3.63 -28.39
C TYR A 366 20.64 -4.26 -28.33
N HIS A 369 12.94 -3.35 -31.82
CA HIS A 369 13.49 -2.13 -31.26
C HIS A 369 14.19 -1.34 -32.33
N SER A 370 13.99 -0.02 -32.33
CA SER A 370 14.71 0.84 -33.26
C SER A 370 16.22 0.86 -32.91
N ASP A 371 16.59 0.54 -31.63
CA ASP A 371 17.93 0.52 -31.02
C ASP A 371 18.35 1.94 -30.63
N LYS A 372 18.04 2.92 -31.48
CA LYS A 372 18.30 4.32 -31.24
C LYS A 372 17.09 4.90 -30.49
N PHE A 373 17.03 4.68 -29.15
CA PHE A 373 15.96 5.22 -28.30
C PHE A 373 15.97 6.75 -28.23
N THR A 374 17.02 7.41 -28.78
CA THR A 374 17.14 8.87 -28.85
C THR A 374 16.23 9.48 -29.94
N ASP A 375 15.57 8.65 -30.76
CA ASP A 375 14.66 9.07 -31.81
C ASP A 375 13.23 8.99 -31.29
N GLY A 376 12.46 10.05 -31.52
CA GLY A 376 11.08 10.12 -31.07
C GLY A 376 10.93 10.29 -29.57
N VAL A 377 9.84 9.77 -29.02
CA VAL A 377 9.57 9.95 -27.60
C VAL A 377 9.42 8.61 -26.84
N CYS A 378 9.83 8.58 -25.58
CA CYS A 378 9.78 7.42 -24.70
C CYS A 378 8.61 7.62 -23.74
N LEU A 379 7.79 6.59 -23.58
CA LEU A 379 6.64 6.66 -22.69
C LEU A 379 6.87 5.66 -21.56
N PHE A 380 7.09 6.18 -20.36
CA PHE A 380 7.30 5.36 -19.16
C PHE A 380 6.07 5.57 -18.28
N TRP A 381 4.99 4.84 -18.56
CA TRP A 381 3.78 4.96 -17.76
C TRP A 381 3.84 3.94 -16.65
N ASN A 382 4.20 4.42 -15.46
CA ASN A 382 4.45 3.63 -14.26
C ASN A 382 5.59 2.66 -14.45
N CYS A 383 6.60 3.01 -15.28
CA CYS A 383 7.77 2.16 -15.44
C CYS A 383 8.91 2.88 -14.74
N ASN A 384 9.18 2.49 -13.50
CA ASN A 384 10.16 3.15 -12.63
C ASN A 384 11.62 2.96 -13.02
N VAL A 385 12.25 4.01 -13.62
CA VAL A 385 13.68 3.93 -13.93
C VAL A 385 14.47 4.92 -13.04
N ASP A 386 15.80 4.74 -12.93
CA ASP A 386 16.66 5.58 -12.09
C ASP A 386 16.89 7.00 -12.67
N ARG A 387 16.86 7.14 -14.00
CA ARG A 387 17.08 8.41 -14.64
C ARG A 387 16.46 8.36 -16.02
N TYR A 388 15.34 9.06 -16.19
CA TYR A 388 14.64 9.07 -17.45
C TYR A 388 15.42 9.83 -18.53
N PRO A 389 15.41 9.31 -19.78
CA PRO A 389 16.00 10.09 -20.88
C PRO A 389 15.25 11.42 -21.07
N ALA A 390 15.91 12.44 -21.67
CA ALA A 390 15.28 13.75 -21.86
C ALA A 390 14.03 13.71 -22.74
N ASN A 391 13.93 12.79 -23.71
CA ASN A 391 12.75 12.71 -24.60
C ASN A 391 11.67 11.78 -24.02
N SER A 392 11.16 12.09 -22.81
CA SER A 392 10.21 11.19 -22.16
C SER A 392 8.92 11.84 -21.69
N ILE A 393 7.86 11.02 -21.54
CA ILE A 393 6.56 11.27 -20.96
C ILE A 393 6.52 10.23 -19.83
N VAL A 394 6.43 10.70 -18.59
CA VAL A 394 6.50 9.82 -17.44
C VAL A 394 5.41 9.97 -16.40
N CYS A 395 4.86 8.86 -15.94
CA CYS A 395 3.96 8.81 -14.82
C CYS A 395 4.68 7.97 -13.75
N ARG A 396 5.10 8.60 -12.66
CA ARG A 396 5.78 7.91 -11.59
C ARG A 396 4.99 8.04 -10.30
N PHE A 397 4.65 6.90 -9.66
CA PHE A 397 3.94 6.89 -8.39
C PHE A 397 4.83 7.44 -7.25
N ASP A 398 4.31 8.38 -6.47
CA ASP A 398 5.04 8.98 -5.36
C ASP A 398 4.76 8.15 -4.12
N THR A 399 5.72 7.34 -3.71
CA THR A 399 5.58 6.43 -2.58
C THR A 399 5.27 7.15 -1.26
N ARG A 400 5.61 8.45 -1.15
CA ARG A 400 5.37 9.23 0.06
C ARG A 400 3.90 9.58 0.32
N VAL A 401 3.03 9.38 -0.67
CA VAL A 401 1.62 9.77 -0.54
C VAL A 401 0.89 9.08 0.64
N LEU A 402 0.10 9.88 1.38
CA LEU A 402 -0.70 9.42 2.49
C LEU A 402 -2.13 9.12 1.99
N SER A 403 -2.50 7.81 1.99
CA SER A 403 -3.82 7.30 1.55
C SER A 403 -4.10 5.90 2.10
N ASN A 404 -5.37 5.46 1.98
CA ASN A 404 -5.79 4.12 2.38
C ASN A 404 -5.29 3.03 1.41
N LEU A 405 -4.92 3.40 0.17
CA LEU A 405 -4.43 2.45 -0.82
C LEU A 405 -2.92 2.18 -0.67
N ASN A 406 -2.19 3.19 -0.20
CA ASN A 406 -0.74 3.13 -0.03
C ASN A 406 -0.34 2.75 1.39
N LEU A 407 0.25 1.57 1.52
CA LEU A 407 0.73 1.09 2.79
C LEU A 407 2.25 1.30 2.86
N PRO A 408 2.79 1.50 4.07
CA PRO A 408 4.26 1.63 4.22
C PRO A 408 5.01 0.37 3.75
N GLY A 409 6.15 0.56 3.11
CA GLY A 409 6.92 -0.52 2.55
C GLY A 409 8.34 -0.65 3.02
N CYS A 410 9.17 -1.31 2.20
N CYS A 410 9.19 -1.28 2.19
CA CYS A 410 10.55 -1.66 2.50
CA CYS A 410 10.59 -1.53 2.53
C CYS A 410 11.59 -0.72 1.83
C CYS A 410 11.53 -0.58 1.88
N ASP A 411 12.60 -0.24 2.60
CA ASP A 411 13.67 0.61 2.11
C ASP A 411 13.21 1.92 1.42
N GLY A 412 12.23 2.59 2.02
CA GLY A 412 11.69 3.81 1.46
C GLY A 412 10.53 3.60 0.50
N GLY A 413 10.40 2.39 -0.04
CA GLY A 413 9.30 2.06 -0.94
C GLY A 413 7.96 1.95 -0.24
N SER A 414 6.91 1.72 -1.01
CA SER A 414 5.56 1.60 -0.46
C SER A 414 4.79 0.49 -1.16
N LEU A 415 3.75 -0.04 -0.51
CA LEU A 415 2.94 -1.09 -1.08
C LEU A 415 1.66 -0.47 -1.55
N TYR A 416 1.50 -0.30 -2.88
CA TYR A 416 0.29 0.31 -3.42
C TYR A 416 -0.70 -0.79 -3.69
N VAL A 417 -1.85 -0.77 -3.00
CA VAL A 417 -2.82 -1.83 -3.16
C VAL A 417 -4.10 -1.30 -3.78
N ASN A 418 -4.26 -1.57 -5.08
CA ASN A 418 -5.40 -1.16 -5.87
C ASN A 418 -5.65 -2.34 -6.82
N LYS A 419 -6.57 -3.23 -6.41
CA LYS A 419 -6.97 -4.47 -7.08
C LYS A 419 -5.86 -5.55 -6.97
N HIS A 420 -4.60 -5.11 -7.08
CA HIS A 420 -3.42 -5.92 -6.94
C HIS A 420 -2.40 -5.16 -6.06
N ALA A 421 -1.44 -5.87 -5.48
CA ALA A 421 -0.42 -5.24 -4.65
C ALA A 421 0.83 -4.97 -5.47
N PHE A 422 1.34 -3.77 -5.39
CA PHE A 422 2.51 -3.34 -6.14
C PHE A 422 3.47 -2.70 -5.19
N HIS A 423 4.54 -3.42 -4.77
CA HIS A 423 5.56 -2.77 -3.95
C HIS A 423 6.35 -1.88 -4.91
N THR A 424 6.41 -0.57 -4.64
CA THR A 424 7.03 0.41 -5.52
C THR A 424 8.30 0.94 -4.86
N PRO A 425 9.41 1.08 -5.61
CA PRO A 425 10.64 1.64 -5.02
C PRO A 425 10.48 3.10 -4.62
N ALA A 426 11.20 3.54 -3.58
CA ALA A 426 11.17 4.91 -3.09
C ALA A 426 11.28 5.95 -4.18
N PHE A 427 10.40 6.99 -4.09
CA PHE A 427 10.36 8.11 -5.00
C PHE A 427 11.70 8.84 -4.89
N ASP A 428 12.32 9.13 -6.02
CA ASP A 428 13.62 9.78 -6.06
C ASP A 428 13.50 10.93 -7.04
N LYS A 429 13.57 12.18 -6.54
CA LYS A 429 13.44 13.41 -7.35
C LYS A 429 14.50 13.50 -8.44
N SER A 430 15.69 12.94 -8.18
CA SER A 430 16.80 12.92 -9.14
C SER A 430 16.50 12.08 -10.41
N ALA A 431 15.53 11.16 -10.38
CA ALA A 431 15.17 10.40 -11.58
C ALA A 431 14.70 11.33 -12.73
N PHE A 432 14.11 12.47 -12.38
CA PHE A 432 13.50 13.41 -13.30
C PHE A 432 14.32 14.66 -13.64
N VAL A 433 15.66 14.63 -13.50
CA VAL A 433 16.47 15.83 -13.80
C VAL A 433 16.45 16.27 -15.25
N ASN A 434 16.34 15.34 -16.20
CA ASN A 434 16.30 15.69 -17.64
C ASN A 434 14.91 16.12 -18.13
N LEU A 435 13.91 16.13 -17.24
CA LEU A 435 12.53 16.47 -17.59
C LEU A 435 12.02 17.68 -16.74
N LYS A 436 10.75 18.07 -16.93
CA LYS A 436 10.09 19.08 -16.11
C LYS A 436 8.74 18.53 -15.63
N GLN A 437 8.13 19.18 -14.62
CA GLN A 437 6.78 18.79 -14.17
C GLN A 437 5.81 19.14 -15.30
N LEU A 438 4.92 18.22 -15.64
CA LEU A 438 3.97 18.45 -16.72
C LEU A 438 2.85 19.31 -16.14
N PRO A 439 2.60 20.51 -16.70
CA PRO A 439 1.49 21.33 -16.19
C PRO A 439 0.12 20.74 -16.54
N PHE A 440 -0.91 21.14 -15.79
CA PHE A 440 -2.27 20.70 -16.11
C PHE A 440 -2.71 21.43 -17.37
N PHE A 441 -3.41 20.73 -18.23
CA PHE A 441 -4.05 21.29 -19.41
C PHE A 441 -5.12 20.31 -19.88
N TYR A 442 -6.15 20.83 -20.53
CA TYR A 442 -7.18 19.98 -21.10
C TYR A 442 -7.15 20.29 -22.60
N TYR A 443 -7.16 19.29 -23.47
CA TYR A 443 -7.15 19.54 -24.92
C TYR A 443 -8.29 18.75 -25.52
N SER A 444 -8.96 19.33 -26.48
CA SER A 444 -9.99 18.64 -27.23
C SER A 444 -10.14 19.21 -28.64
N ASP A 445 -10.27 18.33 -29.61
CA ASP A 445 -10.52 18.61 -31.02
C ASP A 445 -11.98 18.19 -31.43
N SER A 446 -12.78 17.66 -30.47
CA SER A 446 -14.16 17.24 -30.70
C SER A 446 -15.05 18.43 -31.04
N PRO A 447 -16.10 18.21 -31.86
CA PRO A 447 -16.98 19.32 -32.21
C PRO A 447 -17.68 19.95 -31.01
N CYS A 448 -18.01 21.24 -31.12
CA CYS A 448 -18.71 21.97 -30.07
C CYS A 448 -20.18 21.68 -30.30
N GLU A 449 -20.75 20.80 -29.52
CA GLU A 449 -22.14 20.40 -29.66
C GLU A 449 -22.58 19.82 -28.31
N SER A 450 -23.58 20.48 -27.67
CA SER A 450 -24.09 20.14 -26.34
C SER A 450 -24.60 18.68 -26.19
N HIS A 451 -25.72 18.30 -26.87
CA HIS A 451 -26.28 16.94 -26.78
C HIS A 451 -26.58 16.53 -25.33
N GLY A 452 -27.76 16.89 -24.83
CA GLY A 452 -28.16 16.57 -23.46
C GLY A 452 -29.64 16.71 -23.19
N ILE A 459 -27.54 18.62 -14.48
CA ILE A 459 -26.42 19.50 -14.18
C ILE A 459 -26.61 20.86 -14.88
N ASP A 460 -26.36 21.97 -14.17
CA ASP A 460 -26.56 23.30 -14.76
C ASP A 460 -25.23 23.96 -15.25
N TYR A 461 -25.26 25.25 -15.71
CA TYR A 461 -24.07 25.86 -16.28
C TYR A 461 -23.64 27.25 -15.79
N VAL A 462 -22.34 27.35 -15.41
CA VAL A 462 -21.65 28.59 -15.05
C VAL A 462 -20.54 28.73 -16.11
N PRO A 463 -20.44 29.88 -16.80
CA PRO A 463 -19.45 30.02 -17.89
C PRO A 463 -17.99 29.78 -17.50
N LEU A 464 -17.26 29.04 -18.35
CA LEU A 464 -15.87 28.72 -18.08
C LEU A 464 -14.86 29.67 -18.71
N LYS A 465 -13.98 30.21 -17.87
CA LYS A 465 -12.87 31.04 -18.30
C LYS A 465 -11.57 30.38 -17.81
N SER A 466 -10.78 29.85 -18.74
CA SER A 466 -9.51 29.21 -18.39
C SER A 466 -8.52 29.28 -19.53
N ALA A 467 -7.26 29.60 -19.21
CA ALA A 467 -6.20 29.61 -20.22
C ALA A 467 -5.78 28.15 -20.60
N THR A 468 -6.09 27.15 -19.77
CA THR A 468 -5.70 25.78 -20.03
C THR A 468 -6.79 24.94 -20.72
N CYS A 469 -7.90 25.56 -21.17
CA CYS A 469 -8.93 24.82 -21.90
C CYS A 469 -8.51 24.98 -23.34
N ILE A 470 -7.79 24.00 -23.90
CA ILE A 470 -7.28 24.14 -25.26
C ILE A 470 -8.28 23.52 -26.25
N THR A 471 -9.24 24.38 -26.68
CA THR A 471 -10.34 24.03 -27.60
C THR A 471 -10.53 25.15 -28.64
N ARG A 472 -11.21 24.83 -29.77
CA ARG A 472 -11.51 25.80 -30.81
C ARG A 472 -12.37 26.94 -30.28
N CYS A 473 -13.33 26.62 -29.40
CA CYS A 473 -14.22 27.58 -28.78
C CYS A 473 -13.44 28.53 -27.89
N ASN A 474 -12.38 28.06 -27.20
CA ASN A 474 -11.58 28.96 -26.35
C ASN A 474 -10.65 29.84 -27.20
N LEU A 475 -10.14 29.28 -28.31
CA LEU A 475 -9.35 29.99 -29.31
C LEU A 475 -10.22 31.11 -29.90
N GLY A 476 -11.48 30.79 -30.18
CA GLY A 476 -12.47 31.75 -30.68
C GLY A 476 -13.11 32.63 -29.60
N GLY A 477 -12.45 32.74 -28.46
CA GLY A 477 -12.87 33.63 -27.37
C GLY A 477 -14.02 33.31 -26.43
N ALA A 478 -14.59 32.08 -26.45
CA ALA A 478 -15.73 31.73 -25.59
C ALA A 478 -15.99 30.20 -25.51
N VAL A 479 -15.65 29.56 -24.38
CA VAL A 479 -15.85 28.12 -24.19
C VAL A 479 -17.33 27.69 -24.22
N CYS A 480 -17.66 26.76 -25.14
CA CYS A 480 -19.00 26.20 -25.30
C CYS A 480 -19.36 25.34 -24.06
N ARG A 481 -20.65 25.03 -23.86
CA ARG A 481 -21.10 24.24 -22.71
C ARG A 481 -20.47 22.86 -22.68
N HIS A 482 -20.46 22.15 -23.82
CA HIS A 482 -19.90 20.81 -23.92
C HIS A 482 -18.43 20.76 -23.53
N HIS A 483 -17.60 21.68 -24.04
CA HIS A 483 -16.18 21.67 -23.69
C HIS A 483 -15.95 22.12 -22.25
N ALA A 484 -16.83 22.96 -21.68
CA ALA A 484 -16.73 23.37 -20.29
C ALA A 484 -17.07 22.18 -19.36
N ASN A 485 -18.07 21.33 -19.74
CA ASN A 485 -18.43 20.15 -18.92
C ASN A 485 -17.27 19.14 -18.94
N GLU A 486 -16.72 18.87 -20.15
CA GLU A 486 -15.60 17.96 -20.34
C GLU A 486 -14.34 18.48 -19.66
N TYR A 487 -14.14 19.82 -19.63
CA TYR A 487 -12.97 20.39 -18.97
C TYR A 487 -13.05 20.11 -17.46
N ARG A 488 -14.20 20.40 -16.85
CA ARG A 488 -14.40 20.20 -15.41
C ARG A 488 -14.34 18.73 -15.01
N LEU A 489 -14.82 17.82 -15.88
CA LEU A 489 -14.75 16.38 -15.65
C LEU A 489 -13.30 15.92 -15.74
N TYR A 490 -12.54 16.44 -16.72
CA TYR A 490 -11.12 16.09 -16.87
C TYR A 490 -10.30 16.61 -15.70
N LEU A 491 -10.52 17.84 -15.27
CA LEU A 491 -9.81 18.42 -14.13
C LEU A 491 -10.10 17.59 -12.85
N ASP A 492 -11.34 17.06 -12.73
CA ASP A 492 -11.69 16.22 -11.59
C ASP A 492 -10.89 14.94 -11.64
N ALA A 493 -10.83 14.27 -12.81
CA ALA A 493 -10.07 13.04 -13.00
C ALA A 493 -8.58 13.31 -12.72
N TYR A 494 -8.02 14.36 -13.28
CA TYR A 494 -6.66 14.78 -13.06
C TYR A 494 -6.33 14.97 -11.57
N ASN A 495 -7.12 15.77 -10.81
CA ASN A 495 -6.88 16.00 -9.38
C ASN A 495 -6.98 14.69 -8.54
N MET A 496 -7.87 13.79 -8.98
CA MET A 496 -8.11 12.50 -8.38
C MET A 496 -6.83 11.65 -8.52
N MET A 497 -6.23 11.68 -9.71
CA MET A 497 -5.02 10.90 -9.99
C MET A 497 -3.81 11.48 -9.24
N ILE A 498 -3.69 12.80 -9.18
CA ILE A 498 -2.55 13.45 -8.51
C ILE A 498 -2.58 13.18 -7.01
N SER A 499 -3.75 13.36 -6.40
CA SER A 499 -3.96 13.13 -4.98
C SER A 499 -3.82 11.66 -4.57
N ALA A 500 -4.05 10.72 -5.51
CA ALA A 500 -3.81 9.29 -5.30
C ALA A 500 -2.29 8.97 -5.19
N GLY A 501 -1.42 9.92 -5.57
CA GLY A 501 0.01 9.74 -5.48
C GLY A 501 0.79 9.80 -6.77
N PHE A 502 0.11 9.77 -7.92
CA PHE A 502 0.79 9.80 -9.20
C PHE A 502 1.36 11.16 -9.54
N SER A 503 2.53 11.16 -10.18
CA SER A 503 3.16 12.41 -10.61
C SER A 503 3.49 12.31 -12.09
N LEU A 504 3.35 13.44 -12.80
CA LEU A 504 3.56 13.53 -14.24
C LEU A 504 4.72 14.41 -14.60
N TRP A 505 5.52 13.92 -15.52
CA TRP A 505 6.75 14.57 -15.96
C TRP A 505 6.83 14.51 -17.48
N VAL A 506 7.48 15.51 -18.10
CA VAL A 506 7.54 15.58 -19.57
C VAL A 506 8.87 16.20 -20.07
N TYR A 507 9.23 15.94 -21.35
CA TYR A 507 10.40 16.53 -21.99
C TYR A 507 10.30 18.09 -21.93
N LYS A 508 11.40 18.76 -21.58
CA LYS A 508 11.44 20.22 -21.39
C LYS A 508 10.88 21.09 -22.53
N GLN A 509 10.92 20.62 -23.79
CA GLN A 509 10.42 21.44 -24.90
C GLN A 509 8.88 21.40 -25.04
N PHE A 510 8.17 20.53 -24.25
CA PHE A 510 6.71 20.44 -24.29
C PHE A 510 6.06 21.78 -23.98
N ASP A 511 5.23 22.26 -24.90
CA ASP A 511 4.55 23.52 -24.76
C ASP A 511 3.15 23.41 -25.33
N THR A 512 2.14 23.67 -24.51
CA THR A 512 0.75 23.66 -24.97
C THR A 512 0.41 24.79 -25.95
N TYR A 513 1.28 25.82 -26.10
CA TYR A 513 1.06 26.86 -27.10
C TYR A 513 1.03 26.25 -28.50
N ASN A 514 1.83 25.18 -28.72
CA ASN A 514 1.86 24.40 -29.95
C ASN A 514 0.57 23.66 -30.26
N LEU A 515 -0.38 23.59 -29.30
CA LEU A 515 -1.64 22.89 -29.53
C LEU A 515 -2.71 23.77 -30.18
N TRP A 516 -2.59 25.10 -30.11
CA TRP A 516 -3.58 25.99 -30.72
C TRP A 516 -3.55 25.90 -32.25
N ASN A 517 -2.37 25.69 -32.86
CA ASN A 517 -2.27 25.61 -34.31
C ASN A 517 -2.80 24.29 -34.91
N THR A 518 -3.21 23.33 -34.08
CA THR A 518 -3.89 22.12 -34.57
C THR A 518 -5.42 22.42 -34.81
N PHE A 519 -5.81 23.74 -34.86
CA PHE A 519 -7.13 24.31 -35.10
C PHE A 519 -6.93 25.39 -36.16
N THR A 520 -7.51 25.22 -37.35
CA THR A 520 -7.33 26.20 -38.44
C THR A 520 -8.62 26.45 -39.23
ZN ZN B . 12.63 -1.59 6.92
ZN ZN C . -16.38 23.89 -27.59
ZN ZN D . -20.04 -1.92 12.94
P PO4 E . -8.95 -7.52 4.18
O1 PO4 E . -10.05 -6.45 4.43
O2 PO4 E . -8.02 -7.16 2.93
O3 PO4 E . -9.73 -8.89 3.88
O4 PO4 E . -7.99 -7.65 5.46
P PO4 F . -13.91 14.92 -25.53
O1 PO4 F . -15.45 15.00 -25.90
O2 PO4 F . -13.01 15.42 -26.75
O3 PO4 F . -13.55 15.81 -24.24
O4 PO4 F . -13.54 13.40 -25.19
N1 K1S G . 5.53 -11.31 33.01
N3 K1S G . 4.68 -12.98 30.01
C4 K1S G . 6.50 -13.62 31.54
C5 K1S G . 7.08 -13.19 32.74
C6 K1S G . 6.59 -12.07 33.43
C7 K1S G . 7.23 -11.65 34.71
C8 K1S G . 4.99 -11.74 31.83
N K1S G . 7.01 -14.69 30.87
C K1S G . 7.24 -15.11 28.44
C1 K1S G . 6.38 -15.24 29.67
C2 K1S G . 8.22 -15.38 31.34
C3 K1S G . 9.43 -14.48 31.37
C9 K1S G . 3.81 -11.97 30.10
N2 K1S G . 3.95 -11.20 31.18
N4 K1S G . 5.42 -12.84 31.14
N1 K1S H . 3.22 -17.35 30.27
N3 K1S H . 3.05 -15.01 32.91
C4 K1S H . 4.63 -16.88 32.74
C5 K1S H . 4.96 -17.97 31.90
C6 K1S H . 4.26 -18.16 30.70
C7 K1S H . 4.60 -19.28 29.76
C8 K1S H . 2.93 -16.33 31.13
N K1S H . 5.26 -16.72 33.94
C K1S H . 7.45 -17.58 34.72
C1 K1S H . 5.96 -17.81 34.61
C2 K1S H . 5.27 -15.43 34.64
C3 K1S H . 4.08 -15.24 35.54
C9 K1S H . 2.10 -14.62 32.05
N2 K1S H . 1.98 -15.39 30.95
N4 K1S H . 3.57 -16.10 32.29
#